data_7NJ6
#
_entry.id   7NJ6
#
_cell.length_a   82.334
_cell.length_b   111.915
_cell.length_c   62.594
_cell.angle_alpha   90.000
_cell.angle_beta   90.000
_cell.angle_gamma   90.000
#
_symmetry.space_group_name_H-M   'C 2 2 21'
#
loop_
_entity.id
_entity.type
_entity.pdbx_description
1 polymer '14-3-3 protein sigma'
2 polymer 'Peptidyl-prolyl cis-trans isomerase NIMA-interacting 1'
3 non-polymer 4-[4-(trifluoromethyl)imidazol-1-yl]benzaldehyde
4 non-polymer 'CALCIUM ION'
5 water water
#
loop_
_entity_poly.entity_id
_entity_poly.type
_entity_poly.pdbx_seq_one_letter_code
_entity_poly.pdbx_strand_id
1 'polypeptide(L)'
;GAMGSMERASLIQKAKLAEQAERYEDMAAFMKGAVEKGEELS(CSO)EERNLLSVAYKNVVGGQRAAWRVLSSIEQKSNE
EGSEEKGPEVREYREKVETELQGVCDTVLGLLDSHLIKEAGDAESRVFYLKMKGDYYRYLAEVATGDDKKRIIDSARSAY
QEAMDISKKEMPPTNPIRLGLALNFSVFHYEIANSPEEAISLAKTTFDEAMADLHTLSEDSYKDSTLIMQLLRDNLTLWT
ADNAGEEGGEAPQEPQS
;
A
2 'polypeptide(L)' LVKHSQSRRPS(SEP)WRQEK P
#
loop_
_chem_comp.id
_chem_comp.type
_chem_comp.name
_chem_comp.formula
CA non-polymer 'CALCIUM ION' 'Ca 2'
UG5 non-polymer 4-[4-(trifluoromethyl)imidazol-1-yl]benzaldehyde 'C11 H7 F3 N2 O'
#
# COMPACT_ATOMS: atom_id res chain seq x y z
N ALA A 2 -12.87 15.48 13.20
CA ALA A 2 -14.32 15.41 13.31
C ALA A 2 -14.75 14.23 14.18
N MET A 3 -13.81 13.34 14.46
CA MET A 3 -14.08 12.12 15.21
C MET A 3 -13.62 12.19 16.65
N GLY A 4 -13.19 13.38 17.11
CA GLY A 4 -12.62 13.49 18.44
C GLY A 4 -13.58 13.14 19.56
N SER A 5 -14.89 13.26 19.30
CA SER A 5 -15.88 13.03 20.35
C SER A 5 -16.40 11.60 20.38
N MET A 6 -16.02 10.75 19.42
CA MET A 6 -16.44 9.35 19.42
C MET A 6 -15.45 8.46 20.15
N GLU A 7 -15.99 7.49 20.88
CA GLU A 7 -15.17 6.48 21.54
C GLU A 7 -14.32 5.72 20.52
N ARG A 8 -13.09 5.39 20.91
CA ARG A 8 -12.23 4.54 20.08
C ARG A 8 -12.94 3.27 19.66
N ALA A 9 -13.54 2.56 20.62
CA ALA A 9 -14.21 1.30 20.30
C ALA A 9 -15.38 1.50 19.33
N SER A 10 -16.08 2.63 19.47
CA SER A 10 -17.19 2.91 18.55
C SER A 10 -16.67 3.21 17.15
N LEU A 11 -15.53 3.90 17.04
CA LEU A 11 -14.93 4.16 15.74
C LEU A 11 -14.52 2.86 15.05
N ILE A 12 -13.94 1.93 15.80
CA ILE A 12 -13.56 0.64 15.24
C ILE A 12 -14.80 -0.13 14.80
N GLN A 13 -15.83 -0.15 15.64
CA GLN A 13 -17.07 -0.85 15.29
C GLN A 13 -17.69 -0.26 14.02
N LYS A 14 -17.69 1.06 13.89
CA LYS A 14 -18.30 1.67 12.72
C LYS A 14 -17.43 1.50 11.48
N ALA A 15 -16.11 1.41 11.65
CA ALA A 15 -15.24 1.08 10.52
C ALA A 15 -15.61 -0.28 9.95
N LYS A 16 -15.86 -1.26 10.82
CA LYS A 16 -16.26 -2.58 10.35
C LYS A 16 -17.62 -2.54 9.66
N LEU A 17 -18.55 -1.74 10.20
CA LEU A 17 -19.84 -1.57 9.55
C LEU A 17 -19.69 -0.92 8.19
N ALA A 18 -18.83 0.11 8.10
CA ALA A 18 -18.60 0.79 6.83
C ALA A 18 -18.03 -0.17 5.79
N GLU A 19 -17.14 -1.07 6.22
CA GLU A 19 -16.59 -2.06 5.30
C GLU A 19 -17.70 -2.95 4.75
N GLN A 20 -18.59 -3.42 5.61
CA GLN A 20 -19.70 -4.27 5.15
C GLN A 20 -20.59 -3.52 4.17
N ALA A 21 -20.78 -2.22 4.37
CA ALA A 21 -21.59 -1.39 3.49
C ALA A 21 -20.81 -0.88 2.29
N GLU A 22 -19.53 -1.24 2.17
CA GLU A 22 -18.66 -0.79 1.08
C GLU A 22 -18.60 0.75 1.04
N ARG A 23 -18.60 1.36 2.22
CA ARG A 23 -18.49 2.81 2.37
C ARG A 23 -17.07 3.12 2.83
N TYR A 24 -16.14 3.07 1.88
CA TYR A 24 -14.72 3.09 2.24
C TYR A 24 -14.24 4.48 2.66
N GLU A 25 -14.84 5.55 2.14
N GLU A 25 -14.84 5.55 2.14
CA GLU A 25 -14.49 6.88 2.63
CA GLU A 25 -14.50 6.87 2.62
C GLU A 25 -14.87 7.03 4.10
C GLU A 25 -14.87 7.04 4.09
N ASP A 26 -16.06 6.57 4.47
CA ASP A 26 -16.44 6.55 5.88
C ASP A 26 -15.48 5.68 6.68
N MET A 27 -15.17 4.50 6.17
CA MET A 27 -14.26 3.58 6.85
C MET A 27 -12.93 4.24 7.16
N ALA A 28 -12.37 4.96 6.19
CA ALA A 28 -11.08 5.63 6.38
C ALA A 28 -11.20 6.74 7.42
N ALA A 29 -12.29 7.51 7.37
CA ALA A 29 -12.49 8.57 8.35
C ALA A 29 -12.61 8.01 9.76
N PHE A 30 -13.34 6.91 9.93
CA PHE A 30 -13.42 6.27 11.24
C PHE A 30 -12.06 5.79 11.70
N MET A 31 -11.29 5.18 10.81
CA MET A 31 -10.00 4.62 11.23
C MET A 31 -8.98 5.72 11.49
N LYS A 32 -9.06 6.82 10.74
CA LYS A 32 -8.24 7.99 11.05
C LYS A 32 -8.54 8.51 12.45
N GLY A 33 -9.82 8.59 12.79
CA GLY A 33 -10.19 8.99 14.14
C GLY A 33 -9.67 8.05 15.20
N ALA A 34 -9.71 6.74 14.90
CA ALA A 34 -9.19 5.76 15.85
C ALA A 34 -7.69 5.91 16.04
N VAL A 35 -6.94 6.11 14.95
CA VAL A 35 -5.51 6.34 15.06
C VAL A 35 -5.22 7.55 15.92
N GLU A 36 -5.99 8.63 15.71
CA GLU A 36 -5.71 9.88 16.39
C GLU A 36 -6.06 9.85 17.87
N LYS A 37 -6.66 8.76 18.36
CA LYS A 37 -6.79 8.58 19.81
C LYS A 37 -5.44 8.38 20.48
N GLY A 38 -4.39 8.04 19.72
CA GLY A 38 -3.05 7.98 20.25
C GLY A 38 -2.58 6.62 20.71
N GLU A 39 -3.47 5.64 20.80
CA GLU A 39 -3.07 4.29 21.17
C GLU A 39 -2.55 3.54 19.95
N GLU A 40 -1.68 2.57 20.21
CA GLU A 40 -1.19 1.69 19.15
C GLU A 40 -2.34 0.84 18.62
N LEU A 41 -2.18 0.34 17.39
CA LEU A 41 -3.22 -0.41 16.72
C LEU A 41 -2.94 -1.91 16.81
N SER A 42 -3.99 -2.69 17.03
CA SER A 42 -3.88 -4.14 17.02
C SER A 42 -3.71 -4.62 15.58
N CSO A 43 -3.45 -5.91 15.42
N CSO A 43 -3.48 -5.91 15.41
CA CSO A 43 -3.26 -6.51 14.10
CA CSO A 43 -3.24 -6.45 14.07
CB CSO A 43 -2.97 -8.01 14.24
CB CSO A 43 -2.81 -7.92 14.15
SG CSO A 43 -2.91 -8.78 12.60
SG CSO A 43 -3.07 -8.72 12.55
C CSO A 43 -4.50 -6.28 13.24
C CSO A 43 -4.50 -6.31 13.20
O CSO A 43 -4.39 -5.83 12.09
O CSO A 43 -4.43 -5.95 12.03
OD CSO A 43 -4.49 -9.46 12.14
OD CSO A 43 -1.58 -8.69 11.59
N GLU A 44 -5.66 -6.60 13.80
CA GLU A 44 -6.93 -6.43 13.11
C GLU A 44 -7.20 -4.96 12.77
N GLU A 45 -6.85 -4.09 13.71
CA GLU A 45 -7.08 -2.65 13.50
C GLU A 45 -6.15 -2.11 12.41
N ARG A 46 -4.92 -2.60 12.35
CA ARG A 46 -4.03 -2.19 11.26
C ARG A 46 -4.59 -2.60 9.92
N ASN A 47 -5.17 -3.80 9.83
CA ASN A 47 -5.76 -4.25 8.58
C ASN A 47 -6.95 -3.38 8.18
N LEU A 48 -7.76 -2.95 9.16
CA LEU A 48 -8.89 -2.08 8.85
C LEU A 48 -8.41 -0.75 8.30
N LEU A 49 -7.37 -0.18 8.90
CA LEU A 49 -6.79 1.06 8.40
C LEU A 49 -6.32 0.90 6.96
N SER A 50 -5.59 -0.18 6.68
CA SER A 50 -5.04 -0.41 5.35
C SER A 50 -6.13 -0.64 4.32
N VAL A 51 -7.11 -1.49 4.66
CA VAL A 51 -8.20 -1.78 3.73
C VAL A 51 -8.96 -0.51 3.37
N ALA A 52 -9.23 0.34 4.35
CA ALA A 52 -10.00 1.56 4.12
C ALA A 52 -9.30 2.47 3.12
N TYR A 53 -8.05 2.84 3.41
CA TYR A 53 -7.36 3.79 2.55
C TYR A 53 -6.93 3.17 1.22
N LYS A 54 -6.65 1.86 1.19
CA LYS A 54 -6.33 1.23 -0.08
C LYS A 54 -7.50 1.31 -1.05
N ASN A 55 -8.73 1.16 -0.54
CA ASN A 55 -9.91 1.24 -1.39
C ASN A 55 -10.18 2.67 -1.83
N VAL A 56 -9.99 3.64 -0.93
CA VAL A 56 -10.21 5.03 -1.29
C VAL A 56 -9.23 5.47 -2.36
N VAL A 57 -7.93 5.28 -2.12
N VAL A 57 -7.93 5.29 -2.10
CA VAL A 57 -6.93 5.69 -3.08
CA VAL A 57 -6.91 5.67 -3.08
C VAL A 57 -6.94 4.82 -4.33
C VAL A 57 -7.06 4.86 -4.35
N GLY A 58 -7.44 3.58 -4.22
CA GLY A 58 -7.57 2.75 -5.40
C GLY A 58 -8.58 3.29 -6.39
N GLY A 59 -9.71 3.79 -5.88
CA GLY A 59 -10.67 4.43 -6.76
C GLY A 59 -10.13 5.72 -7.36
N GLN A 60 -9.35 6.48 -6.59
CA GLN A 60 -8.76 7.70 -7.12
C GLN A 60 -7.72 7.39 -8.19
N ARG A 61 -6.90 6.37 -7.97
CA ARG A 61 -5.90 6.01 -8.97
C ARG A 61 -6.55 5.54 -10.26
N ALA A 62 -7.60 4.73 -10.15
CA ALA A 62 -8.31 4.27 -11.34
C ALA A 62 -8.90 5.45 -12.12
N ALA A 63 -9.48 6.42 -11.41
CA ALA A 63 -10.04 7.59 -12.08
C ALA A 63 -8.95 8.44 -12.70
N TRP A 64 -7.83 8.64 -11.98
CA TRP A 64 -6.71 9.39 -12.51
C TRP A 64 -6.17 8.75 -13.80
N ARG A 65 -6.12 7.42 -13.84
N ARG A 65 -6.13 7.41 -13.84
CA ARG A 65 -5.61 6.75 -15.03
CA ARG A 65 -5.61 6.74 -15.02
C ARG A 65 -6.54 6.92 -16.21
C ARG A 65 -6.54 6.90 -16.22
N VAL A 66 -7.86 6.90 -15.98
CA VAL A 66 -8.81 7.14 -17.05
C VAL A 66 -8.63 8.55 -17.61
N LEU A 67 -8.54 9.55 -16.71
CA LEU A 67 -8.43 10.93 -17.14
C LEU A 67 -7.08 11.23 -17.79
N SER A 68 -6.01 10.65 -17.25
N SER A 68 -6.01 10.65 -17.25
CA SER A 68 -4.69 10.84 -17.85
CA SER A 68 -4.69 10.85 -17.86
C SER A 68 -4.65 10.28 -19.27
C SER A 68 -4.65 10.28 -19.27
N SER A 69 -5.29 9.13 -19.49
CA SER A 69 -5.33 8.55 -20.83
C SER A 69 -6.09 9.45 -21.79
N ILE A 70 -7.24 9.98 -21.36
CA ILE A 70 -7.99 10.92 -22.19
C ILE A 70 -7.15 12.17 -22.45
N GLU A 71 -6.44 12.65 -21.43
CA GLU A 71 -5.61 13.85 -21.60
C GLU A 71 -4.51 13.60 -22.62
N GLN A 72 -3.85 12.44 -22.56
CA GLN A 72 -2.78 12.14 -23.50
C GLN A 72 -3.29 12.09 -24.94
N LYS A 73 -4.45 11.46 -25.15
CA LYS A 73 -5.03 11.41 -26.49
C LYS A 73 -5.38 12.81 -26.99
N SER A 74 -5.70 13.73 -26.08
CA SER A 74 -6.01 15.10 -26.48
C SER A 74 -4.77 15.83 -26.96
N ASN A 75 -3.60 15.49 -26.43
CA ASN A 75 -2.38 16.20 -26.75
C ASN A 75 -1.59 15.48 -27.84
N GLY A 83 -9.87 22.49 -25.12
CA GLY A 83 -9.90 23.37 -23.97
C GLY A 83 -9.19 22.82 -22.75
N PRO A 84 -9.24 23.54 -21.63
CA PRO A 84 -8.51 23.13 -20.44
C PRO A 84 -9.23 22.13 -19.55
N GLU A 85 -10.45 21.70 -19.91
CA GLU A 85 -11.28 20.96 -18.97
C GLU A 85 -10.68 19.61 -18.60
N VAL A 86 -10.13 18.86 -19.57
CA VAL A 86 -9.57 17.54 -19.24
C VAL A 86 -8.40 17.68 -18.28
N ARG A 87 -7.49 18.63 -18.57
CA ARG A 87 -6.36 18.85 -17.66
C ARG A 87 -6.87 19.30 -16.29
N GLU A 88 -7.82 20.24 -16.27
CA GLU A 88 -8.33 20.75 -15.00
C GLU A 88 -8.91 19.63 -14.14
N TYR A 89 -9.72 18.75 -14.74
CA TYR A 89 -10.37 17.70 -13.97
C TYR A 89 -9.38 16.64 -13.54
N ARG A 90 -8.42 16.29 -14.41
CA ARG A 90 -7.35 15.38 -13.99
C ARG A 90 -6.58 15.96 -12.82
N GLU A 91 -6.31 17.27 -12.86
N GLU A 91 -6.30 17.27 -12.87
CA GLU A 91 -5.60 17.91 -11.75
CA GLU A 91 -5.59 17.93 -11.77
C GLU A 91 -6.42 17.88 -10.48
C GLU A 91 -6.42 17.89 -10.48
N LYS A 92 -7.74 18.05 -10.60
CA LYS A 92 -8.61 17.99 -9.43
C LYS A 92 -8.54 16.62 -8.75
N VAL A 93 -8.70 15.56 -9.54
CA VAL A 93 -8.60 14.20 -9.00
C VAL A 93 -7.21 13.95 -8.45
N GLU A 94 -6.18 14.41 -9.19
CA GLU A 94 -4.80 14.27 -8.74
C GLU A 94 -4.57 14.91 -7.38
N THR A 95 -5.08 16.14 -7.21
CA THR A 95 -4.90 16.84 -5.95
C THR A 95 -5.62 16.12 -4.81
N GLU A 96 -6.80 15.57 -5.09
N GLU A 96 -6.81 15.59 -5.10
CA GLU A 96 -7.52 14.83 -4.05
CA GLU A 96 -7.54 14.83 -4.09
C GLU A 96 -6.79 13.55 -3.68
C GLU A 96 -6.78 13.57 -3.69
N LEU A 97 -6.20 12.87 -4.68
CA LEU A 97 -5.41 11.68 -4.40
C LEU A 97 -4.20 12.02 -3.55
N GLN A 98 -3.49 13.10 -3.90
CA GLN A 98 -2.32 13.50 -3.12
C GLN A 98 -2.71 13.87 -1.70
N GLY A 99 -3.88 14.47 -1.53
CA GLY A 99 -4.35 14.79 -0.18
C GLY A 99 -4.55 13.55 0.67
N VAL A 100 -5.11 12.50 0.08
CA VAL A 100 -5.33 11.26 0.84
C VAL A 100 -4.00 10.60 1.17
N CYS A 101 -3.08 10.56 0.20
CA CYS A 101 -1.76 10.02 0.47
C CYS A 101 -1.05 10.79 1.59
N ASP A 102 -1.13 12.12 1.55
CA ASP A 102 -0.51 12.93 2.60
C ASP A 102 -1.14 12.64 3.95
N THR A 103 -2.46 12.41 3.98
CA THR A 103 -3.13 12.09 5.24
C THR A 103 -2.61 10.79 5.82
N VAL A 104 -2.52 9.75 4.98
CA VAL A 104 -2.01 8.45 5.44
C VAL A 104 -0.58 8.58 5.94
N LEU A 105 0.28 9.22 5.14
CA LEU A 105 1.67 9.40 5.53
C LEU A 105 1.77 10.20 6.81
N GLY A 106 0.86 11.15 7.02
CA GLY A 106 0.87 11.91 8.26
C GLY A 106 0.51 11.06 9.47
N LEU A 107 -0.43 10.13 9.30
CA LEU A 107 -0.77 9.22 10.39
C LEU A 107 0.41 8.32 10.72
N LEU A 108 1.11 7.83 9.70
CA LEU A 108 2.27 6.99 9.92
C LEU A 108 3.38 7.75 10.63
N ASP A 109 3.59 9.02 10.26
CA ASP A 109 4.62 9.83 10.87
C ASP A 109 4.24 10.34 12.25
N SER A 110 2.94 10.42 12.54
CA SER A 110 2.45 11.04 13.77
C SER A 110 1.28 10.21 14.32
N HIS A 111 1.59 9.11 15.01
CA HIS A 111 2.95 8.70 15.37
C HIS A 111 3.07 7.18 15.32
N LEU A 112 2.44 6.56 14.31
CA LEU A 112 2.32 5.11 14.28
C LEU A 112 3.68 4.43 14.18
N ILE A 113 4.55 4.92 13.30
CA ILE A 113 5.81 4.20 13.05
C ILE A 113 6.72 4.28 14.25
N LYS A 114 6.87 5.47 14.86
CA LYS A 114 7.81 5.61 15.97
C LYS A 114 7.40 4.79 17.19
N GLU A 115 6.12 4.47 17.34
CA GLU A 115 5.66 3.64 18.45
C GLU A 115 5.62 2.15 18.11
N ALA A 116 5.88 1.77 16.87
CA ALA A 116 5.77 0.38 16.44
C ALA A 116 7.10 -0.33 16.69
N GLY A 117 7.13 -1.19 17.71
CA GLY A 117 8.35 -1.89 18.08
C GLY A 117 8.42 -3.32 17.62
N ASP A 118 7.26 -3.98 17.52
CA ASP A 118 7.22 -5.36 17.04
C ASP A 118 7.40 -5.40 15.53
N ALA A 119 8.01 -6.50 15.06
CA ALA A 119 8.27 -6.63 13.63
C ALA A 119 7.00 -6.57 12.81
N GLU A 120 5.94 -7.25 13.26
CA GLU A 120 4.71 -7.30 12.48
C GLU A 120 4.07 -5.91 12.33
N SER A 121 4.16 -5.08 13.37
CA SER A 121 3.60 -3.73 13.25
C SER A 121 4.52 -2.81 12.47
N ARG A 122 5.83 -2.85 12.76
CA ARG A 122 6.75 -1.92 12.11
C ARG A 122 6.87 -2.20 10.62
N VAL A 123 6.96 -3.47 10.23
CA VAL A 123 7.02 -3.80 8.81
C VAL A 123 5.73 -3.40 8.12
N PHE A 124 4.58 -3.61 8.78
CA PHE A 124 3.29 -3.23 8.21
C PHE A 124 3.24 -1.74 7.89
N TYR A 125 3.65 -0.91 8.86
CA TYR A 125 3.56 0.54 8.66
C TYR A 125 4.57 1.04 7.64
N LEU A 126 5.78 0.45 7.62
CA LEU A 126 6.78 0.87 6.64
C LEU A 126 6.39 0.45 5.23
N LYS A 127 5.80 -0.73 5.09
CA LYS A 127 5.21 -1.10 3.80
C LYS A 127 4.16 -0.10 3.36
N MET A 128 3.30 0.31 4.30
CA MET A 128 2.28 1.31 4.00
C MET A 128 2.91 2.62 3.55
N LYS A 129 3.98 3.04 4.22
CA LYS A 129 4.66 4.29 3.85
C LYS A 129 5.24 4.18 2.44
N GLY A 130 5.83 3.03 2.11
CA GLY A 130 6.30 2.81 0.75
C GLY A 130 5.17 2.86 -0.26
N ASP A 131 4.04 2.22 0.06
CA ASP A 131 2.92 2.19 -0.87
C ASP A 131 2.43 3.60 -1.19
N TYR A 132 2.23 4.43 -0.17
CA TYR A 132 1.61 5.72 -0.46
C TYR A 132 2.59 6.74 -1.03
N TYR A 133 3.89 6.59 -0.79
CA TYR A 133 4.85 7.34 -1.59
C TYR A 133 4.87 6.81 -3.03
N ARG A 134 4.67 5.50 -3.22
CA ARG A 134 4.58 4.97 -4.57
C ARG A 134 3.38 5.57 -5.32
N TYR A 135 2.24 5.70 -4.64
CA TYR A 135 1.07 6.31 -5.28
C TYR A 135 1.33 7.77 -5.61
N LEU A 136 2.02 8.49 -4.72
CA LEU A 136 2.43 9.86 -5.04
C LEU A 136 3.37 9.87 -6.24
N ALA A 137 4.27 8.88 -6.33
CA ALA A 137 5.20 8.84 -7.44
C ALA A 137 4.50 8.58 -8.76
N GLU A 138 3.38 7.85 -8.75
CA GLU A 138 2.67 7.54 -9.99
C GLU A 138 2.20 8.80 -10.70
N VAL A 139 1.92 9.87 -9.96
CA VAL A 139 1.40 11.12 -10.53
C VAL A 139 2.42 12.24 -10.50
N ALA A 140 3.62 12.01 -9.98
CA ALA A 140 4.60 13.07 -9.82
C ALA A 140 5.26 13.39 -11.16
N THR A 141 5.54 14.68 -11.37
CA THR A 141 6.22 15.14 -12.57
C THR A 141 7.19 16.29 -12.31
N GLY A 142 7.31 16.78 -11.08
CA GLY A 142 7.99 18.02 -10.79
C GLY A 142 9.38 17.82 -10.20
N ASP A 143 9.88 18.90 -9.57
CA ASP A 143 11.22 18.90 -9.04
C ASP A 143 11.41 17.93 -7.88
N ASP A 144 10.32 17.45 -7.29
CA ASP A 144 10.38 16.54 -6.15
C ASP A 144 10.13 15.09 -6.53
N LYS A 145 10.03 14.78 -7.83
CA LYS A 145 9.69 13.41 -8.23
C LYS A 145 10.75 12.42 -7.79
N LYS A 146 12.03 12.73 -8.01
CA LYS A 146 13.08 11.79 -7.61
C LYS A 146 13.10 11.61 -6.10
N ARG A 147 12.82 12.67 -5.34
CA ARG A 147 12.80 12.54 -3.89
C ARG A 147 11.60 11.72 -3.41
N ILE A 148 10.47 11.82 -4.12
CA ILE A 148 9.32 10.97 -3.78
C ILE A 148 9.65 9.51 -4.04
N ILE A 149 10.28 9.22 -5.18
CA ILE A 149 10.66 7.85 -5.49
C ILE A 149 11.62 7.30 -4.44
N ASP A 150 12.60 8.12 -4.02
CA ASP A 150 13.56 7.65 -3.03
C ASP A 150 12.91 7.47 -1.66
N SER A 151 11.89 8.28 -1.33
CA SER A 151 11.18 8.08 -0.08
C SER A 151 10.45 6.74 -0.07
N ALA A 152 9.83 6.38 -1.20
CA ALA A 152 9.22 5.07 -1.33
C ALA A 152 10.26 3.97 -1.20
N ARG A 153 11.39 4.10 -1.92
N ARG A 153 11.37 4.09 -1.92
CA ARG A 153 12.44 3.10 -1.87
CA ARG A 153 12.43 3.09 -1.85
C ARG A 153 12.98 2.93 -0.44
C ARG A 153 12.95 2.93 -0.43
N SER A 154 13.20 4.04 0.26
CA SER A 154 13.77 3.98 1.60
C SER A 154 12.83 3.25 2.56
N ALA A 155 11.53 3.54 2.48
CA ALA A 155 10.58 2.90 3.37
C ALA A 155 10.47 1.41 3.08
N TYR A 156 10.34 1.05 1.79
CA TYR A 156 10.33 -0.36 1.43
C TYR A 156 11.61 -1.06 1.89
N GLN A 157 12.76 -0.41 1.73
CA GLN A 157 14.03 -1.06 2.05
C GLN A 157 14.15 -1.34 3.54
N GLU A 158 13.78 -0.37 4.39
CA GLU A 158 13.81 -0.62 5.83
C GLU A 158 12.85 -1.74 6.21
N ALA A 159 11.65 -1.72 5.65
CA ALA A 159 10.70 -2.80 5.91
C ALA A 159 11.26 -4.15 5.46
N MET A 160 11.97 -4.17 4.33
CA MET A 160 12.52 -5.42 3.83
C MET A 160 13.62 -5.94 4.76
N ASP A 161 14.50 -5.05 5.21
CA ASP A 161 15.58 -5.46 6.12
C ASP A 161 15.02 -6.07 7.40
N ILE A 162 13.98 -5.45 7.97
CA ILE A 162 13.39 -5.99 9.19
C ILE A 162 12.72 -7.33 8.91
N SER A 163 11.96 -7.42 7.82
CA SER A 163 11.20 -8.64 7.54
C SER A 163 12.13 -9.83 7.32
N LYS A 164 13.28 -9.60 6.69
CA LYS A 164 14.19 -10.70 6.42
C LYS A 164 14.88 -11.17 7.70
N LYS A 165 15.06 -10.29 8.69
CA LYS A 165 15.67 -10.67 9.96
C LYS A 165 14.65 -11.28 10.92
N GLU A 166 13.41 -10.83 10.91
CA GLU A 166 12.48 -11.11 12.00
C GLU A 166 11.29 -11.97 11.62
N MET A 167 11.12 -12.31 10.34
CA MET A 167 9.91 -12.95 9.85
C MET A 167 10.28 -14.16 8.99
N PRO A 168 9.48 -15.22 9.06
CA PRO A 168 9.70 -16.36 8.16
C PRO A 168 9.37 -15.97 6.73
N PRO A 169 9.96 -16.66 5.74
CA PRO A 169 9.72 -16.27 4.34
C PRO A 169 8.28 -16.42 3.87
N THR A 170 7.45 -17.16 4.61
CA THR A 170 6.05 -17.32 4.25
C THR A 170 5.12 -16.32 4.93
N ASN A 171 5.65 -15.45 5.78
CA ASN A 171 4.82 -14.51 6.50
C ASN A 171 4.04 -13.63 5.52
N PRO A 172 2.72 -13.55 5.63
CA PRO A 172 1.94 -12.80 4.62
C PRO A 172 2.34 -11.34 4.49
N ILE A 173 2.68 -10.68 5.59
CA ILE A 173 3.13 -9.29 5.51
C ILE A 173 4.45 -9.21 4.76
N ARG A 174 5.39 -10.11 5.07
CA ARG A 174 6.64 -10.18 4.33
C ARG A 174 6.40 -10.41 2.84
N LEU A 175 5.48 -11.33 2.51
CA LEU A 175 5.19 -11.63 1.11
C LEU A 175 4.56 -10.43 0.41
N GLY A 176 3.56 -9.81 1.04
CA GLY A 176 2.91 -8.65 0.43
C GLY A 176 3.86 -7.48 0.27
N LEU A 177 4.76 -7.31 1.23
CA LEU A 177 5.79 -6.28 1.11
C LEU A 177 6.68 -6.52 -0.11
N ALA A 178 7.19 -7.74 -0.24
CA ALA A 178 8.06 -8.07 -1.36
C ALA A 178 7.33 -7.93 -2.69
N LEU A 179 6.06 -8.35 -2.73
CA LEU A 179 5.23 -8.15 -3.92
C LEU A 179 5.19 -6.69 -4.33
N ASN A 180 4.89 -5.81 -3.37
CA ASN A 180 4.70 -4.40 -3.69
C ASN A 180 6.03 -3.71 -4.00
N PHE A 181 7.11 -4.10 -3.31
CA PHE A 181 8.42 -3.55 -3.61
C PHE A 181 8.86 -3.97 -5.01
N SER A 182 8.49 -5.18 -5.43
N SER A 182 8.50 -5.19 -5.42
CA SER A 182 8.80 -5.61 -6.79
CA SER A 182 8.78 -5.63 -6.78
C SER A 182 7.99 -4.81 -7.81
C SER A 182 7.99 -4.81 -7.80
N VAL A 183 6.74 -4.48 -7.48
CA VAL A 183 5.96 -3.62 -8.37
C VAL A 183 6.58 -2.23 -8.43
N PHE A 184 7.06 -1.73 -7.30
CA PHE A 184 7.77 -0.46 -7.29
C PHE A 184 8.96 -0.50 -8.25
N HIS A 185 9.76 -1.56 -8.18
CA HIS A 185 10.91 -1.68 -9.07
C HIS A 185 10.48 -1.67 -10.54
N TYR A 186 9.42 -2.40 -10.87
CA TYR A 186 9.02 -2.54 -12.26
C TYR A 186 8.36 -1.26 -12.78
N GLU A 187 7.45 -0.69 -11.99
CA GLU A 187 6.57 0.37 -12.46
C GLU A 187 7.12 1.77 -12.22
N ILE A 188 7.88 1.97 -11.15
CA ILE A 188 8.30 3.29 -10.71
C ILE A 188 9.78 3.52 -10.96
N ALA A 189 10.63 2.57 -10.58
CA ALA A 189 12.07 2.76 -10.61
C ALA A 189 12.71 2.34 -11.92
N ASN A 190 11.93 1.89 -12.89
CA ASN A 190 12.45 1.47 -14.20
C ASN A 190 13.51 0.38 -14.05
N SER A 191 13.28 -0.53 -13.11
CA SER A 191 14.21 -1.63 -12.81
C SER A 191 13.48 -2.97 -12.94
N PRO A 192 13.08 -3.34 -14.16
CA PRO A 192 12.33 -4.61 -14.32
C PRO A 192 13.12 -5.84 -13.91
N GLU A 193 14.44 -5.83 -14.10
CA GLU A 193 15.23 -7.01 -13.71
C GLU A 193 15.28 -7.15 -12.20
N GLU A 194 15.41 -6.04 -11.47
CA GLU A 194 15.30 -6.07 -10.01
C GLU A 194 13.92 -6.58 -9.59
N ALA A 195 12.87 -6.13 -10.27
CA ALA A 195 11.52 -6.58 -9.96
C ALA A 195 11.37 -8.07 -10.14
N ILE A 196 11.87 -8.60 -11.26
CA ILE A 196 11.74 -10.03 -11.53
C ILE A 196 12.57 -10.84 -10.56
N SER A 197 13.80 -10.40 -10.26
N SER A 197 13.80 -10.40 -10.26
CA SER A 197 14.66 -11.12 -9.33
CA SER A 197 14.66 -11.12 -9.33
C SER A 197 14.03 -11.19 -7.94
C SER A 197 14.01 -11.19 -7.94
N LEU A 198 13.47 -10.06 -7.47
CA LEU A 198 12.86 -10.04 -6.15
C LEU A 198 11.64 -10.96 -6.09
N ALA A 199 10.80 -10.93 -7.12
CA ALA A 199 9.60 -11.78 -7.11
C ALA A 199 9.98 -13.26 -7.13
N LYS A 200 10.99 -13.62 -7.92
CA LYS A 200 11.38 -15.03 -8.03
C LYS A 200 11.99 -15.53 -6.73
N THR A 201 12.94 -14.77 -6.18
N THR A 201 12.93 -14.79 -6.15
CA THR A 201 13.59 -15.14 -4.92
CA THR A 201 13.55 -15.26 -4.91
C THR A 201 12.59 -15.21 -3.78
C THR A 201 12.57 -15.23 -3.74
N THR A 202 11.65 -14.26 -3.73
CA THR A 202 10.61 -14.28 -2.69
C THR A 202 9.74 -15.52 -2.83
N PHE A 203 9.32 -15.83 -4.06
CA PHE A 203 8.48 -17.00 -4.30
C PHE A 203 9.21 -18.28 -3.92
N ASP A 204 10.47 -18.41 -4.33
CA ASP A 204 11.20 -19.66 -4.12
C ASP A 204 11.47 -19.91 -2.64
N GLU A 205 11.87 -18.87 -1.90
CA GLU A 205 12.11 -19.07 -0.47
C GLU A 205 10.82 -19.30 0.30
N ALA A 206 9.70 -18.74 -0.15
CA ALA A 206 8.42 -19.08 0.46
C ALA A 206 8.04 -20.53 0.18
N MET A 207 8.22 -20.97 -1.07
CA MET A 207 7.96 -22.37 -1.43
C MET A 207 8.65 -23.33 -0.48
N ALA A 208 9.92 -23.06 -0.15
CA ALA A 208 10.71 -23.95 0.68
C ALA A 208 10.33 -23.93 2.15
N ASP A 209 9.50 -22.98 2.57
CA ASP A 209 9.09 -22.85 3.96
C ASP A 209 7.64 -23.26 4.18
N LEU A 210 6.92 -23.62 3.12
CA LEU A 210 5.51 -23.99 3.26
C LEU A 210 5.32 -25.23 4.12
N HIS A 211 6.31 -26.13 4.16
CA HIS A 211 6.16 -27.38 4.90
C HIS A 211 5.98 -27.15 6.39
N THR A 212 6.36 -25.97 6.89
CA THR A 212 6.26 -25.67 8.31
C THR A 212 4.87 -25.23 8.72
N LEU A 213 3.97 -24.99 7.78
CA LEU A 213 2.74 -24.26 8.04
C LEU A 213 1.55 -25.18 8.27
N SER A 214 0.59 -24.67 9.04
CA SER A 214 -0.72 -25.29 9.15
C SER A 214 -1.49 -25.13 7.83
N GLU A 215 -2.63 -25.83 7.75
CA GLU A 215 -3.45 -25.75 6.55
C GLU A 215 -3.94 -24.33 6.31
N ASP A 216 -4.36 -23.63 7.37
CA ASP A 216 -4.87 -22.27 7.20
C ASP A 216 -3.75 -21.31 6.83
N SER A 217 -2.59 -21.41 7.50
CA SER A 217 -1.47 -20.55 7.15
C SER A 217 -0.96 -20.83 5.74
N TYR A 218 -0.97 -22.11 5.36
CA TYR A 218 -0.58 -22.48 3.99
C TYR A 218 -1.48 -21.78 2.97
N LYS A 219 -2.78 -21.72 3.26
CA LYS A 219 -3.71 -21.03 2.36
C LYS A 219 -3.38 -19.54 2.27
N ASP A 220 -3.12 -18.90 3.42
CA ASP A 220 -2.79 -17.48 3.42
C ASP A 220 -1.55 -17.21 2.58
N SER A 221 -0.52 -18.01 2.75
CA SER A 221 0.76 -17.75 2.10
C SER A 221 0.70 -18.02 0.60
N THR A 222 0.11 -19.15 0.21
CA THR A 222 0.06 -19.49 -1.21
C THR A 222 -0.80 -18.50 -2.00
N LEU A 223 -1.77 -17.86 -1.34
CA LEU A 223 -2.60 -16.87 -2.03
C LEU A 223 -1.77 -15.68 -2.52
N ILE A 224 -0.90 -15.16 -1.65
CA ILE A 224 -0.05 -14.04 -2.06
C ILE A 224 1.04 -14.54 -2.98
N MET A 225 1.45 -15.80 -2.81
CA MET A 225 2.51 -16.36 -3.63
C MET A 225 2.06 -16.43 -5.08
N GLN A 226 0.76 -16.67 -5.29
CA GLN A 226 0.19 -16.68 -6.64
C GLN A 226 0.24 -15.31 -7.29
N LEU A 227 0.11 -14.23 -6.51
CA LEU A 227 0.24 -12.90 -7.09
C LEU A 227 1.67 -12.65 -7.57
N LEU A 228 2.66 -13.13 -6.83
CA LEU A 228 4.04 -13.07 -7.32
C LEU A 228 4.18 -13.84 -8.63
N ARG A 229 3.57 -15.03 -8.71
CA ARG A 229 3.62 -15.82 -9.93
C ARG A 229 2.92 -15.09 -11.07
N ASP A 230 1.76 -14.49 -10.80
CA ASP A 230 1.04 -13.74 -11.84
C ASP A 230 1.92 -12.65 -12.43
N ASN A 231 2.65 -11.92 -11.59
CA ASN A 231 3.50 -10.86 -12.10
C ASN A 231 4.67 -11.42 -12.91
N LEU A 232 5.28 -12.52 -12.43
CA LEU A 232 6.37 -13.12 -13.17
C LEU A 232 5.91 -13.61 -14.53
N THR A 233 4.69 -14.15 -14.60
CA THR A 233 4.14 -14.56 -15.90
C THR A 233 3.89 -13.35 -16.79
N LEU A 234 3.48 -12.24 -16.20
CA LEU A 234 3.26 -11.02 -16.97
C LEU A 234 4.58 -10.43 -17.47
N TRP A 235 5.63 -10.54 -16.66
CA TRP A 235 6.89 -9.86 -16.91
C TRP A 235 7.90 -10.69 -17.69
N THR A 236 7.68 -11.99 -17.84
CA THR A 236 8.66 -12.86 -18.50
C THR A 236 8.02 -13.71 -19.60
N ARG B 9 -1.31 -2.49 -14.29
CA ARG B 9 -1.17 -3.75 -15.01
C ARG B 9 -0.68 -4.91 -14.13
N PRO B 10 0.40 -4.75 -13.38
CA PRO B 10 0.83 -5.82 -12.47
C PRO B 10 0.07 -5.79 -11.15
N SER B 11 0.07 -6.94 -10.49
CA SER B 11 -0.66 -7.10 -9.24
C SER B 11 0.15 -6.67 -8.03
N SEP B 12 -0.37 -5.68 -7.30
CA SEP B 12 0.13 -5.37 -5.96
CB SEP B 12 0.09 -3.87 -5.70
OG SEP B 12 -1.23 -3.38 -5.82
C SEP B 12 -0.75 -6.12 -4.99
O SEP B 12 -1.74 -6.74 -5.41
P SEP B 12 -1.30 -1.78 -5.73
O1P SEP B 12 -0.46 -1.12 -6.94
O2P SEP B 12 -2.84 -1.32 -5.82
O3P SEP B 12 -0.66 -1.30 -4.32
N TRP B 13 -0.43 -6.10 -3.71
CA TRP B 13 -1.21 -6.89 -2.77
C TRP B 13 -2.62 -6.31 -2.69
N ARG B 14 -3.62 -7.20 -2.65
CA ARG B 14 -5.01 -6.78 -2.70
C ARG B 14 -5.81 -7.40 -1.56
C02 UG5 C . 0.16 -5.63 2.42
C03 UG5 C . -0.49 -6.81 3.14
C04 UG5 C . -0.03 -8.09 2.94
C05 UG5 C . -0.63 -9.16 3.60
C06 UG5 C . -1.70 -8.92 4.45
C08 UG5 C . -2.71 -9.91 6.45
C10 UG5 C . -3.30 -11.85 5.76
C11 UG5 C . -3.87 -13.27 5.74
C15 UG5 C . -2.71 -11.18 4.72
C16 UG5 C . -2.16 -7.63 4.65
C17 UG5 C . -1.56 -6.57 3.99
F12 UG5 C . -3.26 -14.00 6.71
F13 UG5 C . -5.21 -13.21 6.00
F14 UG5 C . -3.66 -13.85 4.52
N07 UG5 C . -2.36 -10.00 5.17
N09 UG5 C . -3.29 -11.07 6.81
CA CA D . 5.12 0.02 20.91
#